data_9DUD
#
_entry.id   9DUD
#
_cell.length_a   57.351
_cell.length_b   79.690
_cell.length_c   91.973
_cell.angle_alpha   90.00
_cell.angle_beta   90.00
_cell.angle_gamma   90.00
#
_symmetry.space_group_name_H-M   'P 21 21 21'
#
loop_
_entity.id
_entity.type
_entity.pdbx_description
1 polymer 'ADP-ribose pyrophosphatase'
2 non-polymer 'FLAVIN-ADENINE DINUCLEOTIDE'
3 non-polymer 'MAGNESIUM ION'
4 water water
#
_entity_poly.entity_id   1
_entity_poly.type   'polypeptide(L)'
_entity_poly.pdbx_seq_one_letter_code
;MAHHHHHHMSKPTQQGITFSKNDVEIIARETLYRGFFSLDLYRFRHRLFNGGMSGEITREIFERGHAAVLLPFDPVRDEV
VLVEQIRIAAYDTSESPWLLEMVAGMIEAGETVEDVARREALEEAGLEVGRTKPILSYLASPGGTSERLSILVGEVDAST
AKGIHGLAEENEDIRVHVVSREQAYQWVEEGKIDNAASVIALQWLQLHYHNLRNEWTK
;
_entity_poly.pdbx_strand_id   A,B
#
# COMPACT_ATOMS: atom_id res chain seq x y z
N GLN A 15 -23.33 -1.17 -11.45
CA GLN A 15 -22.71 -0.89 -10.16
C GLN A 15 -21.45 -0.04 -10.34
N GLY A 16 -20.92 0.42 -9.22
CA GLY A 16 -19.68 1.17 -9.20
C GLY A 16 -19.86 2.45 -8.43
N ILE A 17 -18.87 3.33 -8.55
CA ILE A 17 -18.89 4.57 -7.79
C ILE A 17 -20.01 5.48 -8.28
N THR A 18 -20.36 6.41 -7.42
CA THR A 18 -21.55 7.23 -7.53
C THR A 18 -21.28 8.60 -8.14
N PHE A 19 -20.12 9.18 -7.86
CA PHE A 19 -19.83 10.57 -8.19
C PHE A 19 -18.50 10.67 -8.93
N SER A 20 -18.35 11.76 -9.68
CA SER A 20 -17.23 12.03 -10.57
C SER A 20 -16.59 13.36 -10.18
N LYS A 21 -15.62 13.80 -10.98
CA LYS A 21 -14.94 15.07 -10.70
C LYS A 21 -15.88 16.27 -10.80
N ASN A 22 -16.96 16.15 -11.56
CA ASN A 22 -17.95 17.23 -11.64
C ASN A 22 -18.65 17.46 -10.29
N ASP A 23 -18.53 16.50 -9.37
CA ASP A 23 -19.27 16.52 -8.11
C ASP A 23 -18.42 17.01 -6.95
N VAL A 24 -17.20 17.47 -7.21
CA VAL A 24 -16.34 18.05 -6.20
C VAL A 24 -15.76 19.34 -6.75
N GLU A 25 -15.64 20.34 -5.89
CA GLU A 25 -15.00 21.61 -6.20
C GLU A 25 -13.80 21.77 -5.28
N ILE A 26 -12.61 21.79 -5.86
CA ILE A 26 -11.39 22.10 -5.10
C ILE A 26 -11.23 23.61 -5.08
N ILE A 27 -11.48 24.21 -3.92
CA ILE A 27 -11.45 25.66 -3.79
C ILE A 27 -10.03 26.19 -3.87
N ALA A 28 -9.10 25.54 -3.18
CA ALA A 28 -7.71 25.98 -3.15
C ALA A 28 -6.86 24.83 -2.63
N ARG A 29 -5.58 24.91 -2.96
CA ARG A 29 -4.55 24.09 -2.32
C ARG A 29 -3.51 25.03 -1.76
N GLU A 30 -3.09 24.77 -0.52
CA GLU A 30 -2.11 25.63 0.15
C GLU A 30 -0.92 24.77 0.54
N THR A 31 0.26 25.12 0.08
CA THR A 31 1.44 24.37 0.50
C THR A 31 1.80 24.84 1.91
N LEU A 32 1.71 23.93 2.86
CA LEU A 32 2.01 24.16 4.28
C LEU A 32 3.47 23.94 4.60
N TYR A 33 4.14 23.07 3.86
CA TYR A 33 5.55 22.78 4.03
C TYR A 33 6.10 22.38 2.68
N ARG A 34 7.27 22.91 2.34
CA ARG A 34 8.00 22.46 1.16
C ARG A 34 9.46 22.24 1.50
N GLY A 35 9.93 21.03 1.26
CA GLY A 35 11.32 20.71 1.41
C GLY A 35 11.68 19.74 0.31
N PHE A 36 12.13 18.53 0.67
CA PHE A 36 12.30 17.50 -0.33
C PHE A 36 10.95 17.07 -0.89
N PHE A 37 9.97 16.88 -0.01
CA PHE A 37 8.58 16.64 -0.36
C PHE A 37 7.76 17.85 0.09
N SER A 38 6.44 17.77 -0.02
CA SER A 38 5.55 18.85 0.35
CA SER A 38 5.59 18.85 0.43
C SER A 38 4.37 18.30 1.15
N LEU A 39 3.79 19.17 1.96
CA LEU A 39 2.51 18.89 2.61
C LEU A 39 1.57 20.00 2.18
N ASP A 40 0.49 19.62 1.50
CA ASP A 40 -0.48 20.54 0.96
C ASP A 40 -1.80 20.42 1.71
N LEU A 41 -2.47 21.54 1.90
CA LEU A 41 -3.81 21.57 2.46
C LEU A 41 -4.77 21.72 1.29
N TYR A 42 -5.60 20.70 1.06
CA TYR A 42 -6.64 20.78 0.05
C TYR A 42 -7.91 21.30 0.74
N ARG A 43 -8.56 22.27 0.11
CA ARG A 43 -9.81 22.85 0.59
CA ARG A 43 -9.81 22.84 0.60
C ARG A 43 -10.86 22.59 -0.48
N PHE A 44 -11.96 21.93 -0.11
CA PHE A 44 -12.90 21.49 -1.13
C PHE A 44 -14.30 21.30 -0.55
N ARG A 45 -15.28 21.18 -1.44
CA ARG A 45 -16.63 20.76 -1.09
C ARG A 45 -17.08 19.70 -2.09
N HIS A 46 -17.96 18.81 -1.66
CA HIS A 46 -18.32 17.69 -2.52
C HIS A 46 -19.78 17.26 -2.32
N ARG A 47 -20.33 16.63 -3.34
CA ARG A 47 -21.67 16.10 -3.25
C ARG A 47 -21.77 15.04 -2.15
N LEU A 48 -22.93 15.00 -1.51
CA LEU A 48 -23.26 14.03 -0.48
C LEU A 48 -24.19 12.97 -1.06
N PHE A 49 -24.08 11.74 -0.52
CA PHE A 49 -24.87 10.64 -1.06
C PHE A 49 -26.37 10.87 -0.93
N ASN A 50 -26.81 11.47 0.18
CA ASN A 50 -28.23 11.73 0.41
C ASN A 50 -28.69 13.01 -0.25
N GLY A 51 -27.83 13.64 -1.03
CA GLY A 51 -28.21 14.83 -1.76
C GLY A 51 -27.57 16.07 -1.15
N GLY A 52 -27.33 17.07 -1.99
CA GLY A 52 -26.78 18.32 -1.53
C GLY A 52 -25.27 18.29 -1.51
N MET A 53 -24.70 19.41 -1.09
CA MET A 53 -23.26 19.60 -1.05
C MET A 53 -22.79 19.73 0.39
N SER A 54 -21.59 19.22 0.65
CA SER A 54 -20.93 19.45 1.92
C SER A 54 -20.58 20.94 2.06
N GLY A 55 -20.27 21.34 3.29
CA GLY A 55 -19.54 22.57 3.48
C GLY A 55 -18.07 22.39 3.11
N GLU A 56 -17.29 23.43 3.38
CA GLU A 56 -15.86 23.38 3.08
CA GLU A 56 -15.87 23.37 3.07
C GLU A 56 -15.17 22.41 4.01
N ILE A 57 -14.37 21.52 3.43
CA ILE A 57 -13.59 20.51 4.14
C ILE A 57 -12.14 20.78 3.80
N THR A 58 -11.25 20.55 4.77
CA THR A 58 -9.82 20.62 4.50
C THR A 58 -9.15 19.31 4.90
N ARG A 59 -8.13 18.93 4.12
CA ARG A 59 -7.35 17.74 4.38
C ARG A 59 -5.89 18.05 4.12
N GLU A 60 -5.03 17.56 5.03
CA GLU A 60 -3.58 17.63 4.86
C GLU A 60 -3.13 16.44 4.04
N ILE A 61 -2.42 16.71 2.93
CA ILE A 61 -2.05 15.67 1.97
C ILE A 61 -0.54 15.71 1.73
N PHE A 62 0.11 14.60 1.98
CA PHE A 62 1.54 14.43 1.72
C PHE A 62 1.76 14.22 0.23
N GLU A 63 2.51 15.14 -0.39
CA GLU A 63 2.78 15.18 -1.82
C GLU A 63 4.24 14.82 -2.04
N ARG A 64 4.48 13.67 -2.64
CA ARG A 64 5.83 13.18 -2.87
C ARG A 64 5.98 12.60 -4.26
N GLY A 65 5.14 12.98 -5.20
CA GLY A 65 5.20 12.40 -6.53
C GLY A 65 4.74 10.96 -6.54
N HIS A 66 5.06 10.27 -7.62
CA HIS A 66 4.55 8.94 -7.93
C HIS A 66 5.69 8.05 -8.39
N ALA A 67 5.48 6.75 -8.30
CA ALA A 67 6.57 5.81 -8.46
C ALA A 67 6.24 4.73 -9.47
N ALA A 68 7.32 4.16 -10.02
CA ALA A 68 7.28 2.94 -10.81
C ALA A 68 7.95 1.83 -10.00
N VAL A 69 7.36 0.64 -10.05
CA VAL A 69 7.83 -0.51 -9.29
C VAL A 69 8.00 -1.66 -10.27
N LEU A 70 9.06 -2.44 -10.10
N LEU A 70 9.07 -2.42 -10.08
CA LEU A 70 9.29 -3.58 -10.99
CA LEU A 70 9.36 -3.58 -10.91
C LEU A 70 9.57 -4.84 -10.18
C LEU A 70 9.51 -4.82 -10.03
N LEU A 71 8.68 -5.83 -10.29
CA LEU A 71 8.89 -7.16 -9.74
C LEU A 71 9.79 -7.92 -10.69
N PRO A 72 11.03 -8.22 -10.32
CA PRO A 72 11.92 -8.95 -11.25
C PRO A 72 11.70 -10.44 -11.09
N PHE A 73 11.14 -11.08 -12.11
CA PHE A 73 10.75 -12.48 -12.07
C PHE A 73 11.51 -13.24 -13.16
N ASP A 74 12.13 -14.33 -12.76
CA ASP A 74 12.81 -15.22 -13.71
C ASP A 74 11.88 -16.38 -13.99
N PRO A 75 11.23 -16.43 -15.17
CA PRO A 75 10.24 -17.49 -15.44
C PRO A 75 10.88 -18.84 -15.72
N VAL A 76 12.17 -18.87 -16.08
CA VAL A 76 12.86 -20.14 -16.29
C VAL A 76 13.05 -20.84 -14.96
N ARG A 77 13.44 -20.09 -13.94
CA ARG A 77 13.83 -20.63 -12.65
C ARG A 77 12.76 -20.51 -11.60
N ASP A 78 11.68 -19.77 -11.89
CA ASP A 78 10.63 -19.50 -10.91
C ASP A 78 11.23 -18.82 -9.67
N GLU A 79 12.00 -17.77 -9.93
CA GLU A 79 12.68 -17.03 -8.89
C GLU A 79 12.37 -15.55 -8.98
N VAL A 80 12.49 -14.87 -7.85
N VAL A 80 12.55 -14.87 -7.87
CA VAL A 80 12.37 -13.42 -7.81
CA VAL A 80 12.35 -13.43 -7.76
C VAL A 80 13.64 -12.83 -7.23
C VAL A 80 13.59 -12.81 -7.18
N VAL A 81 13.93 -11.62 -7.67
CA VAL A 81 15.04 -10.85 -7.16
C VAL A 81 14.46 -9.76 -6.25
N LEU A 82 14.93 -9.75 -5.01
CA LEU A 82 14.55 -8.74 -4.02
C LEU A 82 15.72 -7.80 -3.78
N VAL A 83 15.43 -6.57 -3.40
CA VAL A 83 16.46 -5.61 -3.03
C VAL A 83 16.27 -5.23 -1.56
N GLU A 84 17.38 -5.19 -0.83
CA GLU A 84 17.36 -4.86 0.59
C GLU A 84 17.98 -3.48 0.80
N GLN A 85 17.29 -2.63 1.55
CA GLN A 85 17.86 -1.35 1.94
C GLN A 85 17.15 -0.84 3.19
N ILE A 86 17.79 0.10 3.86
CA ILE A 86 17.17 0.70 5.03
C ILE A 86 16.06 1.66 4.63
N ARG A 87 14.96 1.59 5.36
CA ARG A 87 13.83 2.51 5.25
C ARG A 87 13.59 3.01 6.67
N ILE A 88 14.14 4.18 7.02
CA ILE A 88 14.12 4.56 8.43
C ILE A 88 12.69 4.71 8.96
N ALA A 89 11.74 5.07 8.09
CA ALA A 89 10.35 5.22 8.53
C ALA A 89 9.77 3.91 9.07
N ALA A 90 10.34 2.77 8.70
CA ALA A 90 9.85 1.48 9.21
C ALA A 90 10.26 1.26 10.66
N TYR A 91 11.21 2.05 11.18
CA TYR A 91 11.87 1.75 12.45
C TYR A 91 10.86 1.54 13.58
N ASP A 92 9.91 2.45 13.74
CA ASP A 92 9.13 2.46 14.97
C ASP A 92 8.14 1.30 15.05
N THR A 93 7.83 0.63 13.95
CA THR A 93 6.83 -0.43 13.95
C THR A 93 7.38 -1.76 13.44
N SER A 94 8.69 -1.88 13.26
CA SER A 94 9.29 -3.06 12.67
C SER A 94 10.48 -3.50 13.51
N GLU A 95 10.83 -4.78 13.44
CA GLU A 95 11.98 -5.23 14.20
C GLU A 95 13.28 -4.67 13.63
N SER A 96 13.36 -4.49 12.31
CA SER A 96 14.49 -3.86 11.67
C SER A 96 13.99 -2.91 10.58
N PRO A 97 14.67 -1.78 10.38
CA PRO A 97 14.28 -0.89 9.27
C PRO A 97 14.85 -1.30 7.93
N TRP A 98 15.69 -2.33 7.86
CA TRP A 98 16.13 -2.86 6.57
C TRP A 98 15.03 -3.75 6.02
N LEU A 99 14.52 -3.43 4.84
CA LEU A 99 13.40 -4.12 4.25
C LEU A 99 13.82 -4.84 2.98
N LEU A 100 13.10 -5.92 2.68
CA LEU A 100 13.21 -6.63 1.39
C LEU A 100 12.08 -6.09 0.50
N GLU A 101 12.45 -5.57 -0.68
N GLU A 101 12.44 -5.57 -0.67
CA GLU A 101 11.50 -4.81 -1.47
CA GLU A 101 11.54 -4.77 -1.47
C GLU A 101 11.63 -5.12 -2.95
C GLU A 101 11.71 -5.04 -2.96
N MET A 102 10.79 -4.44 -3.73
CA MET A 102 10.86 -4.40 -5.17
C MET A 102 11.78 -3.28 -5.62
N VAL A 103 12.40 -3.47 -6.78
CA VAL A 103 13.00 -2.37 -7.51
C VAL A 103 11.95 -1.28 -7.69
N ALA A 104 12.34 -0.03 -7.48
CA ALA A 104 11.33 1.03 -7.56
C ALA A 104 12.02 2.37 -7.58
N GLY A 105 11.38 3.34 -8.22
CA GLY A 105 11.88 4.70 -8.17
C GLY A 105 10.84 5.71 -8.56
N MET A 106 11.15 6.96 -8.26
CA MET A 106 10.21 8.04 -8.57
C MET A 106 10.19 8.30 -10.07
N ILE A 107 9.02 8.66 -10.57
CA ILE A 107 8.84 9.05 -11.96
C ILE A 107 9.07 10.55 -12.05
N GLU A 108 10.02 10.96 -12.88
CA GLU A 108 10.27 12.37 -13.15
C GLU A 108 9.52 12.78 -14.42
N ALA A 109 9.37 14.10 -14.59
CA ALA A 109 8.57 14.62 -15.69
C ALA A 109 9.04 14.07 -17.04
N GLY A 110 8.09 13.65 -17.86
CA GLY A 110 8.38 13.14 -19.18
C GLY A 110 8.67 11.66 -19.25
N GLU A 111 8.91 11.01 -18.11
CA GLU A 111 9.31 9.61 -18.10
C GLU A 111 8.10 8.69 -18.01
N THR A 112 8.23 7.52 -18.61
CA THR A 112 7.19 6.51 -18.49
C THR A 112 7.49 5.55 -17.35
N VAL A 113 6.43 4.89 -16.88
CA VAL A 113 6.59 3.85 -15.87
C VAL A 113 7.64 2.84 -16.32
N GLU A 114 7.55 2.40 -17.58
CA GLU A 114 8.48 1.38 -18.07
C GLU A 114 9.91 1.90 -18.10
N ASP A 115 10.11 3.15 -18.54
CA ASP A 115 11.47 3.70 -18.58
C ASP A 115 12.08 3.69 -17.18
N VAL A 116 11.32 4.12 -16.18
CA VAL A 116 11.84 4.20 -14.82
C VAL A 116 12.14 2.80 -14.28
N ALA A 117 11.21 1.88 -14.48
CA ALA A 117 11.39 0.51 -14.00
C ALA A 117 12.66 -0.11 -14.56
N ARG A 118 12.90 0.06 -15.86
CA ARG A 118 14.10 -0.52 -16.46
C ARG A 118 15.37 0.14 -15.95
N ARG A 119 15.36 1.46 -15.80
CA ARG A 119 16.54 2.15 -15.28
CA ARG A 119 16.56 2.12 -15.29
C ARG A 119 16.85 1.73 -13.85
N GLU A 120 15.82 1.71 -13.00
CA GLU A 120 16.03 1.35 -11.61
C GLU A 120 16.48 -0.09 -11.48
N ALA A 121 16.00 -0.99 -12.35
CA ALA A 121 16.43 -2.37 -12.24
C ALA A 121 17.93 -2.48 -12.44
N LEU A 122 18.48 -1.66 -13.33
CA LEU A 122 19.93 -1.66 -13.55
C LEU A 122 20.67 -1.01 -12.38
N GLU A 123 20.18 0.14 -11.90
CA GLU A 123 20.88 0.87 -10.84
C GLU A 123 20.82 0.11 -9.50
N GLU A 124 19.71 -0.56 -9.23
CA GLU A 124 19.47 -1.12 -7.91
C GLU A 124 19.84 -2.58 -7.79
N ALA A 125 19.86 -3.32 -8.91
CA ALA A 125 20.08 -4.75 -8.87
C ALA A 125 21.01 -5.22 -9.97
N GLY A 126 21.50 -4.33 -10.82
CA GLY A 126 22.35 -4.73 -11.92
C GLY A 126 21.65 -5.58 -12.95
N LEU A 127 20.32 -5.46 -13.06
CA LEU A 127 19.52 -6.37 -13.87
C LEU A 127 19.17 -5.76 -15.21
N GLU A 128 19.47 -6.48 -16.27
CA GLU A 128 18.84 -6.25 -17.56
C GLU A 128 17.45 -6.87 -17.50
N VAL A 129 16.49 -6.23 -18.14
CA VAL A 129 15.10 -6.67 -18.14
C VAL A 129 14.72 -6.98 -19.58
N GLY A 130 14.05 -8.11 -19.77
CA GLY A 130 13.53 -8.47 -21.06
C GLY A 130 12.15 -7.91 -21.25
N ARG A 131 11.15 -8.79 -21.36
CA ARG A 131 9.77 -8.33 -21.46
C ARG A 131 9.26 -7.78 -20.12
N THR A 132 8.25 -6.92 -20.23
CA THR A 132 7.52 -6.43 -19.07
C THR A 132 6.03 -6.57 -19.31
N LYS A 133 5.26 -6.65 -18.24
CA LYS A 133 3.81 -6.60 -18.31
C LYS A 133 3.29 -5.79 -17.12
N PRO A 134 2.18 -5.08 -17.28
CA PRO A 134 1.61 -4.42 -16.11
C PRO A 134 1.06 -5.43 -15.10
N ILE A 135 1.24 -5.11 -13.83
CA ILE A 135 0.58 -5.80 -12.73
C ILE A 135 -0.66 -4.96 -12.36
N LEU A 136 -0.43 -3.89 -11.61
CA LEU A 136 -1.49 -3.06 -11.04
CA LEU A 136 -1.50 -2.98 -11.25
C LEU A 136 -0.89 -1.70 -10.74
N SER A 137 -1.73 -0.68 -10.66
CA SER A 137 -1.34 0.66 -10.23
C SER A 137 -2.22 1.05 -9.06
N TYR A 138 -1.62 1.41 -7.94
CA TYR A 138 -2.36 1.59 -6.70
C TYR A 138 -2.00 2.89 -5.99
N LEU A 139 -2.97 3.38 -5.23
CA LEU A 139 -2.78 4.49 -4.31
C LEU A 139 -2.31 3.93 -2.97
N ALA A 140 -1.14 4.41 -2.52
CA ALA A 140 -0.51 3.85 -1.32
C ALA A 140 -1.38 4.02 -0.07
N SER A 141 -1.98 5.18 0.12
CA SER A 141 -2.72 5.48 1.33
C SER A 141 -3.50 6.77 1.08
N PRO A 142 -4.59 6.69 0.32
CA PRO A 142 -5.20 7.91 -0.24
C PRO A 142 -5.95 8.80 0.73
N GLY A 143 -6.10 8.43 2.00
CA GLY A 143 -6.65 9.37 2.97
C GLY A 143 -5.68 10.48 3.34
N GLY A 144 -4.39 10.27 3.15
CA GLY A 144 -3.38 11.21 3.57
C GLY A 144 -2.24 11.49 2.60
N THR A 145 -2.13 10.76 1.50
CA THR A 145 -1.08 11.01 0.51
C THR A 145 -1.65 10.76 -0.87
N SER A 146 -1.16 11.55 -1.84
CA SER A 146 -1.60 11.37 -3.22
C SER A 146 -0.83 10.25 -3.92
N GLU A 147 0.18 9.67 -3.29
CA GLU A 147 1.13 8.84 -4.01
C GLU A 147 0.45 7.64 -4.68
N ARG A 148 0.74 7.49 -5.96
CA ARG A 148 0.38 6.34 -6.77
C ARG A 148 1.66 5.61 -7.18
N LEU A 149 1.63 4.29 -7.14
CA LEU A 149 2.73 3.44 -7.56
C LEU A 149 2.23 2.48 -8.62
N SER A 150 2.92 2.41 -9.74
CA SER A 150 2.52 1.57 -10.87
C SER A 150 3.52 0.44 -11.00
N ILE A 151 3.03 -0.79 -10.84
CA ILE A 151 3.88 -1.99 -10.80
C ILE A 151 3.85 -2.67 -12.16
N LEU A 152 5.04 -3.04 -12.63
CA LEU A 152 5.25 -3.95 -13.75
C LEU A 152 5.93 -5.22 -13.22
N VAL A 153 5.70 -6.34 -13.91
CA VAL A 153 6.56 -7.50 -13.75
C VAL A 153 7.56 -7.50 -14.90
N GLY A 154 8.83 -7.78 -14.60
CA GLY A 154 9.88 -7.76 -15.59
C GLY A 154 10.62 -9.07 -15.65
N GLU A 155 10.89 -9.53 -16.86
CA GLU A 155 11.58 -10.78 -17.12
C GLU A 155 13.07 -10.61 -16.87
N VAL A 156 13.65 -11.41 -15.99
CA VAL A 156 15.06 -11.30 -15.68
C VAL A 156 15.69 -12.69 -15.62
N ASP A 157 17.02 -12.71 -15.74
CA ASP A 157 17.85 -13.89 -15.48
C ASP A 157 18.37 -13.73 -14.06
N ALA A 158 17.76 -14.44 -13.13
CA ALA A 158 18.13 -14.30 -11.73
C ALA A 158 19.53 -14.81 -11.44
N SER A 159 20.10 -15.64 -12.32
CA SER A 159 21.49 -16.05 -12.12
C SER A 159 22.47 -14.90 -12.30
N THR A 160 22.04 -13.78 -12.88
CA THR A 160 22.88 -12.60 -13.04
C THR A 160 22.76 -11.62 -11.88
N ALA A 161 21.93 -11.92 -10.89
CA ALA A 161 21.59 -10.97 -9.83
C ALA A 161 22.42 -11.26 -8.58
N LYS A 162 23.28 -10.32 -8.23
CA LYS A 162 24.08 -10.46 -7.02
C LYS A 162 24.68 -9.11 -6.69
N GLY A 163 25.14 -8.99 -5.46
CA GLY A 163 26.01 -7.90 -5.08
C GLY A 163 25.32 -6.69 -4.47
N ILE A 164 26.12 -5.64 -4.35
CA ILE A 164 25.73 -4.38 -3.72
C ILE A 164 25.60 -3.34 -4.83
N HIS A 165 24.52 -2.58 -4.78
CA HIS A 165 24.19 -1.62 -5.81
C HIS A 165 23.60 -0.39 -5.14
N GLY A 166 22.85 0.38 -5.91
CA GLY A 166 22.38 1.67 -5.45
C GLY A 166 23.40 2.75 -5.74
N LEU A 167 22.90 3.99 -5.78
CA LEU A 167 23.72 5.16 -6.08
C LEU A 167 24.30 5.69 -4.77
N ALA A 168 25.60 5.46 -4.57
CA ALA A 168 26.25 5.93 -3.36
C ALA A 168 26.18 7.45 -3.22
N GLU A 169 26.00 8.17 -4.33
CA GLU A 169 25.94 9.62 -4.29
C GLU A 169 24.61 10.13 -3.76
N GLU A 170 23.56 9.29 -3.78
CA GLU A 170 22.30 9.57 -3.12
C GLU A 170 22.16 8.81 -1.81
N ASN A 171 23.25 8.24 -1.29
CA ASN A 171 23.23 7.44 -0.07
C ASN A 171 22.24 6.28 -0.17
N GLU A 172 22.25 5.62 -1.31
CA GLU A 172 21.34 4.51 -1.61
C GLU A 172 22.20 3.25 -1.64
N ASP A 173 22.13 2.47 -0.58
CA ASP A 173 22.98 1.29 -0.38
C ASP A 173 22.04 0.09 -0.42
N ILE A 174 22.19 -0.77 -1.43
CA ILE A 174 21.22 -1.81 -1.76
C ILE A 174 21.93 -3.14 -1.90
N ARG A 175 21.37 -4.19 -1.30
CA ARG A 175 21.87 -5.55 -1.47
C ARG A 175 20.85 -6.41 -2.21
N VAL A 176 21.31 -7.19 -3.18
CA VAL A 176 20.44 -8.07 -3.97
C VAL A 176 20.30 -9.42 -3.28
N HIS A 177 19.07 -9.95 -3.28
CA HIS A 177 18.77 -11.28 -2.82
C HIS A 177 17.97 -11.99 -3.90
N VAL A 178 18.30 -13.25 -4.14
CA VAL A 178 17.53 -14.08 -5.05
C VAL A 178 16.91 -15.18 -4.23
N VAL A 179 15.60 -15.38 -4.38
CA VAL A 179 14.91 -16.48 -3.71
C VAL A 179 13.88 -17.07 -4.66
N SER A 180 13.41 -18.26 -4.33
CA SER A 180 12.32 -18.82 -5.11
C SER A 180 11.06 -17.98 -4.92
N ARG A 181 10.18 -18.01 -5.92
CA ARG A 181 8.89 -17.36 -5.78
C ARG A 181 8.19 -17.88 -4.53
N GLU A 182 8.22 -19.19 -4.31
CA GLU A 182 7.51 -19.75 -3.18
C GLU A 182 8.04 -19.19 -1.88
N GLN A 183 9.37 -19.07 -1.75
CA GLN A 183 9.95 -18.52 -0.53
C GLN A 183 9.54 -17.07 -0.35
N ALA A 184 9.59 -16.27 -1.42
CA ALA A 184 9.20 -14.88 -1.30
C ALA A 184 7.75 -14.77 -0.85
N TYR A 185 6.87 -15.61 -1.41
CA TYR A 185 5.46 -15.55 -1.02
C TYR A 185 5.28 -16.01 0.41
N GLN A 186 5.99 -17.06 0.83
CA GLN A 186 5.88 -17.45 2.22
CA GLN A 186 5.98 -17.48 2.22
C GLN A 186 6.39 -16.34 3.14
N TRP A 187 7.38 -15.55 2.71
CA TRP A 187 7.81 -14.42 3.54
C TRP A 187 6.74 -13.34 3.62
N VAL A 188 5.92 -13.17 2.58
CA VAL A 188 4.75 -12.32 2.71
C VAL A 188 3.79 -12.87 3.75
N GLU A 189 3.47 -14.17 3.66
CA GLU A 189 2.52 -14.75 4.61
CA GLU A 189 2.54 -14.77 4.60
C GLU A 189 3.03 -14.61 6.03
N GLU A 190 4.33 -14.74 6.24
CA GLU A 190 4.94 -14.69 7.56
C GLU A 190 5.19 -13.29 8.07
N GLY A 191 5.05 -12.27 7.23
CA GLY A 191 5.30 -10.91 7.63
C GLY A 191 6.73 -10.45 7.50
N LYS A 192 7.62 -11.30 6.92
CA LYS A 192 9.00 -10.88 6.70
C LYS A 192 9.14 -9.95 5.50
N ILE A 193 8.20 -9.99 4.56
CA ILE A 193 8.03 -8.97 3.53
C ILE A 193 6.68 -8.32 3.82
N ASP A 194 6.69 -7.03 4.12
CA ASP A 194 5.48 -6.37 4.60
C ASP A 194 5.40 -4.91 4.16
N ASN A 195 6.02 -4.56 3.04
CA ASN A 195 5.81 -3.27 2.40
C ASN A 195 4.80 -3.43 1.27
N ALA A 196 3.91 -2.45 1.12
CA ALA A 196 2.77 -2.61 0.19
C ALA A 196 3.20 -3.04 -1.20
N ALA A 197 4.23 -2.41 -1.77
CA ALA A 197 4.55 -2.68 -3.17
C ALA A 197 4.91 -4.14 -3.35
N SER A 198 5.68 -4.69 -2.42
CA SER A 198 6.12 -6.08 -2.52
C SER A 198 4.99 -7.03 -2.22
N VAL A 199 4.16 -6.71 -1.23
CA VAL A 199 3.02 -7.56 -0.93
C VAL A 199 2.10 -7.66 -2.14
N ILE A 200 1.75 -6.50 -2.72
CA ILE A 200 0.84 -6.50 -3.87
C ILE A 200 1.45 -7.26 -5.04
N ALA A 201 2.72 -6.99 -5.33
CA ALA A 201 3.38 -7.64 -6.47
C ALA A 201 3.46 -9.14 -6.28
N LEU A 202 3.85 -9.59 -5.08
CA LEU A 202 4.05 -11.02 -4.86
C LEU A 202 2.73 -11.76 -4.72
N GLN A 203 1.69 -11.13 -4.16
CA GLN A 203 0.37 -11.75 -4.22
C GLN A 203 -0.10 -11.88 -5.66
N TRP A 204 0.09 -10.82 -6.47
CA TRP A 204 -0.24 -10.91 -7.87
C TRP A 204 0.50 -12.08 -8.51
N LEU A 205 1.80 -12.21 -8.25
CA LEU A 205 2.56 -13.28 -8.85
C LEU A 205 2.02 -14.64 -8.42
N GLN A 206 1.64 -14.77 -7.16
CA GLN A 206 1.12 -16.05 -6.69
C GLN A 206 -0.16 -16.41 -7.40
N LEU A 207 -0.95 -15.41 -7.82
CA LEU A 207 -2.21 -15.62 -8.56
C LEU A 207 -2.01 -15.79 -10.06
N HIS A 208 -0.86 -15.44 -10.62
CA HIS A 208 -0.70 -15.42 -12.07
C HIS A 208 0.53 -16.16 -12.58
N TYR A 209 1.35 -16.76 -11.71
CA TYR A 209 2.65 -17.24 -12.16
C TYR A 209 2.57 -18.37 -13.17
N HIS A 210 1.57 -19.25 -13.07
N HIS A 210 1.58 -19.27 -13.05
CA HIS A 210 1.54 -20.37 -14.00
CA HIS A 210 1.49 -20.39 -13.99
C HIS A 210 1.37 -19.86 -15.43
C HIS A 210 1.35 -19.88 -15.41
N ASN A 211 0.41 -18.95 -15.64
CA ASN A 211 0.23 -18.40 -16.98
C ASN A 211 1.42 -17.57 -17.40
N LEU A 212 2.03 -16.83 -16.46
CA LEU A 212 3.15 -15.97 -16.83
C LEU A 212 4.35 -16.80 -17.26
N ARG A 213 4.64 -17.88 -16.54
CA ARG A 213 5.76 -18.73 -16.94
C ARG A 213 5.52 -19.36 -18.30
N ASN A 214 4.29 -19.79 -18.59
CA ASN A 214 3.98 -20.31 -19.92
C ASN A 214 4.16 -19.23 -20.99
N GLU A 215 3.75 -18.00 -20.70
CA GLU A 215 3.85 -16.94 -21.68
C GLU A 215 5.30 -16.60 -21.98
N TRP A 216 6.14 -16.59 -20.97
CA TRP A 216 7.51 -16.12 -21.13
C TRP A 216 8.53 -17.22 -21.44
N THR A 217 8.15 -18.49 -21.49
CA THR A 217 9.12 -19.51 -21.89
C THR A 217 8.77 -20.18 -23.20
N LYS A 218 7.71 -19.72 -23.87
CA LYS A 218 7.41 -20.19 -25.22
C LYS A 218 8.65 -20.16 -26.09
N GLN B 15 19.86 -16.45 4.92
CA GLN B 15 18.80 -15.76 4.19
C GLN B 15 18.17 -14.66 5.03
N GLY B 16 17.45 -13.75 4.38
CA GLY B 16 16.82 -12.66 5.06
C GLY B 16 17.70 -11.42 5.11
N ILE B 17 17.20 -10.43 5.84
CA ILE B 17 17.87 -9.13 5.93
C ILE B 17 19.21 -9.26 6.65
N THR B 18 20.04 -8.22 6.51
CA THR B 18 21.44 -8.24 6.91
C THR B 18 21.71 -7.54 8.23
N PHE B 19 20.95 -6.50 8.54
CA PHE B 19 21.26 -5.62 9.65
C PHE B 19 20.01 -5.45 10.50
N SER B 20 20.26 -5.09 11.76
CA SER B 20 19.24 -4.93 12.80
C SER B 20 19.28 -3.51 13.36
N LYS B 21 18.45 -3.27 14.38
CA LYS B 21 18.50 -1.98 15.07
C LYS B 21 19.81 -1.73 15.77
N ASN B 22 20.64 -2.75 15.99
CA ASN B 22 21.97 -2.51 16.53
C ASN B 22 22.86 -1.76 15.54
N ASP B 23 22.46 -1.72 14.27
CA ASP B 23 23.30 -1.21 13.18
C ASP B 23 22.89 0.17 12.69
N VAL B 24 21.96 0.83 13.37
CA VAL B 24 21.50 2.16 13.00
C VAL B 24 21.32 2.97 14.28
N GLU B 25 21.69 4.24 14.24
CA GLU B 25 21.38 5.17 15.31
C GLU B 25 20.59 6.33 14.74
N ILE B 26 19.42 6.60 15.31
CA ILE B 26 18.68 7.82 15.01
C ILE B 26 19.19 8.88 15.98
N ILE B 27 19.89 9.88 15.44
CA ILE B 27 20.53 10.93 16.23
C ILE B 27 19.49 11.89 16.79
N ALA B 28 18.50 12.24 15.99
CA ALA B 28 17.50 13.24 16.36
C ALA B 28 16.37 13.12 15.36
N ARG B 29 15.22 13.68 15.73
CA ARG B 29 14.11 13.87 14.81
C ARG B 29 13.65 15.30 14.98
N GLU B 30 13.43 15.98 13.88
CA GLU B 30 13.08 17.40 13.95
C GLU B 30 11.69 17.59 13.36
N THR B 31 10.80 18.28 14.09
CA THR B 31 9.45 18.54 13.58
C THR B 31 9.56 19.57 12.46
N LEU B 32 9.25 19.15 11.25
CA LEU B 32 9.20 20.05 10.10
C LEU B 32 7.85 20.72 9.99
N TYR B 33 6.79 20.01 10.37
CA TYR B 33 5.44 20.51 10.31
C TYR B 33 4.63 19.80 11.38
N ARG B 34 3.83 20.56 12.12
CA ARG B 34 2.91 20.02 13.11
C ARG B 34 1.52 20.59 12.87
N GLY B 35 0.58 19.73 12.49
CA GLY B 35 -0.80 20.12 12.30
C GLY B 35 -1.70 18.96 12.66
N PHE B 36 -2.64 18.60 11.79
CA PHE B 36 -3.42 17.39 12.04
C PHE B 36 -2.49 16.18 12.05
N PHE B 37 -1.59 16.13 11.10
CA PHE B 37 -0.51 15.17 11.00
C PHE B 37 0.80 15.92 11.20
N SER B 38 1.91 15.20 11.14
CA SER B 38 3.21 15.84 11.25
CA SER B 38 3.24 15.78 11.30
C SER B 38 4.16 15.32 10.18
N LEU B 39 5.19 16.10 9.93
CA LEU B 39 6.28 15.69 9.07
C LEU B 39 7.54 15.89 9.90
N ASP B 40 8.35 14.84 10.01
N ASP B 40 8.32 14.84 10.07
CA ASP B 40 9.54 14.84 10.85
CA ASP B 40 9.55 14.89 10.82
C ASP B 40 10.78 14.53 10.03
C ASP B 40 10.74 14.70 9.90
N LEU B 41 11.87 15.26 10.29
CA LEU B 41 13.15 14.95 9.68
C LEU B 41 13.87 13.97 10.58
N TYR B 42 14.05 12.75 10.14
CA TYR B 42 14.87 11.80 10.87
C TYR B 42 16.33 12.03 10.47
N ARG B 43 17.21 12.13 11.45
CA ARG B 43 18.66 12.25 11.23
C ARG B 43 19.29 10.99 11.80
N PHE B 44 20.05 10.26 10.98
CA PHE B 44 20.50 8.94 11.41
C PHE B 44 21.77 8.53 10.68
N ARG B 45 22.46 7.55 11.26
CA ARG B 45 23.56 6.89 10.59
C ARG B 45 23.30 5.39 10.61
N HIS B 46 23.91 4.68 9.66
CA HIS B 46 23.63 3.25 9.56
C HIS B 46 24.80 2.53 8.89
N ARG B 47 24.92 1.25 9.21
CA ARG B 47 25.92 0.43 8.56
C ARG B 47 25.61 0.26 7.08
N LEU B 48 26.68 0.10 6.31
CA LEU B 48 26.63 -0.08 4.86
C LEU B 48 26.98 -1.52 4.52
N PHE B 49 26.42 -2.02 3.42
CA PHE B 49 26.69 -3.39 3.02
C PHE B 49 28.17 -3.63 2.75
N ASN B 50 28.92 -2.60 2.34
CA ASN B 50 30.34 -2.74 2.04
C ASN B 50 31.20 -2.79 3.30
N GLY B 51 30.61 -2.70 4.49
CA GLY B 51 31.35 -2.84 5.73
C GLY B 51 31.58 -1.57 6.51
N GLY B 52 31.31 -0.40 5.93
CA GLY B 52 31.50 0.86 6.60
C GLY B 52 30.25 1.38 7.30
N MET B 53 30.39 2.60 7.84
CA MET B 53 29.28 3.37 8.38
C MET B 53 28.96 4.55 7.46
N SER B 54 27.67 4.82 7.28
CA SER B 54 27.27 6.00 6.53
C SER B 54 27.65 7.27 7.29
N GLY B 55 27.61 8.39 6.60
CA GLY B 55 27.56 9.68 7.26
C GLY B 55 26.16 9.90 7.81
N GLU B 56 25.88 11.14 8.19
CA GLU B 56 24.54 11.48 8.66
CA GLU B 56 24.54 11.47 8.65
C GLU B 56 23.60 11.59 7.45
N ILE B 57 22.53 10.84 7.50
CA ILE B 57 21.50 10.83 6.48
C ILE B 57 20.29 11.53 7.09
N THR B 58 19.57 12.29 6.29
CA THR B 58 18.29 12.84 6.73
C THR B 58 17.20 12.39 5.77
N ARG B 59 16.02 12.15 6.32
CA ARG B 59 14.85 11.77 5.54
C ARG B 59 13.62 12.47 6.12
N GLU B 60 12.79 13.01 5.22
CA GLU B 60 11.50 13.58 5.60
C GLU B 60 10.47 12.47 5.66
N ILE B 61 9.82 12.33 6.82
CA ILE B 61 8.90 11.23 7.09
C ILE B 61 7.54 11.77 7.52
N PHE B 62 6.51 11.40 6.80
CA PHE B 62 5.12 11.73 7.11
C PHE B 62 4.62 10.82 8.21
N GLU B 63 4.24 11.44 9.33
CA GLU B 63 3.81 10.76 10.55
C GLU B 63 2.32 11.03 10.70
N ARG B 64 1.52 9.99 10.47
CA ARG B 64 0.08 10.13 10.48
C ARG B 64 -0.58 9.01 11.27
N GLY B 65 0.16 8.40 12.20
CA GLY B 65 -0.33 7.26 12.94
C GLY B 65 -0.46 6.02 12.07
N HIS B 66 -1.24 5.07 12.59
CA HIS B 66 -1.37 3.73 12.04
C HIS B 66 -2.84 3.35 12.05
N ALA B 67 -3.18 2.38 11.20
CA ALA B 67 -4.58 2.08 10.93
C ALA B 67 -4.91 0.61 11.15
N ALA B 68 -6.19 0.36 11.43
CA ALA B 68 -6.80 -0.95 11.37
C ALA B 68 -7.69 -0.99 10.15
N VAL B 69 -7.67 -2.11 9.44
CA VAL B 69 -8.43 -2.29 8.21
C VAL B 69 -9.21 -3.58 8.36
N LEU B 70 -10.48 -3.56 7.95
CA LEU B 70 -11.35 -4.73 8.02
C LEU B 70 -11.85 -5.09 6.63
N LEU B 71 -11.58 -6.32 6.21
CA LEU B 71 -12.23 -6.92 5.04
C LEU B 71 -13.51 -7.58 5.55
N PRO B 72 -14.70 -7.03 5.25
CA PRO B 72 -15.93 -7.66 5.74
C PRO B 72 -16.38 -8.70 4.74
N PHE B 73 -16.29 -9.96 5.12
CA PHE B 73 -16.53 -11.11 4.25
C PHE B 73 -17.66 -11.95 4.82
N ASP B 74 -18.64 -12.22 3.97
CA ASP B 74 -19.74 -13.11 4.32
C ASP B 74 -19.43 -14.48 3.74
N PRO B 75 -19.04 -15.45 4.56
CA PRO B 75 -18.61 -16.74 4.01
C PRO B 75 -19.77 -17.61 3.56
N VAL B 76 -20.99 -17.35 4.05
CA VAL B 76 -22.15 -18.10 3.59
C VAL B 76 -22.49 -17.70 2.17
N ARG B 77 -22.53 -16.40 1.92
CA ARG B 77 -22.94 -15.87 0.62
C ARG B 77 -21.78 -15.63 -0.33
N ASP B 78 -20.55 -15.74 0.15
CA ASP B 78 -19.36 -15.45 -0.66
C ASP B 78 -19.41 -14.02 -1.20
N GLU B 79 -19.70 -13.09 -0.29
CA GLU B 79 -19.87 -11.68 -0.62
C GLU B 79 -18.91 -10.84 0.21
N VAL B 80 -18.56 -9.68 -0.35
CA VAL B 80 -17.69 -8.70 0.27
CA VAL B 80 -17.71 -8.71 0.33
C VAL B 80 -18.45 -7.38 0.40
N VAL B 81 -18.24 -6.68 1.50
CA VAL B 81 -18.81 -5.37 1.70
C VAL B 81 -17.73 -4.35 1.45
N LEU B 82 -18.02 -3.38 0.59
CA LEU B 82 -17.13 -2.27 0.25
C LEU B 82 -17.77 -0.98 0.75
N VAL B 83 -16.94 0.00 1.07
CA VAL B 83 -17.42 1.33 1.41
C VAL B 83 -16.89 2.34 0.40
N GLU B 84 -17.74 3.23 -0.04
CA GLU B 84 -17.40 4.25 -1.01
C GLU B 84 -17.39 5.62 -0.35
N GLN B 85 -16.31 6.37 -0.56
CA GLN B 85 -16.22 7.72 -0.05
C GLN B 85 -15.17 8.49 -0.82
N ILE B 86 -15.28 9.82 -0.76
CA ILE B 86 -14.31 10.66 -1.43
C ILE B 86 -12.97 10.61 -0.69
N ARG B 87 -11.88 10.54 -1.45
CA ARG B 87 -10.51 10.69 -0.96
C ARG B 87 -9.87 11.74 -1.86
N ILE B 88 -9.80 12.98 -1.38
CA ILE B 88 -9.39 14.06 -2.28
C ILE B 88 -7.99 13.84 -2.80
N ALA B 89 -7.12 13.17 -2.03
CA ALA B 89 -5.76 12.94 -2.50
C ALA B 89 -5.71 12.08 -3.74
N ALA B 90 -6.75 11.29 -4.03
CA ALA B 90 -6.82 10.50 -5.24
C ALA B 90 -7.06 11.33 -6.50
N TYR B 91 -7.46 12.58 -6.34
CA TYR B 91 -8.00 13.36 -7.46
C TYR B 91 -7.03 13.44 -8.64
N ASP B 92 -5.77 13.76 -8.39
CA ASP B 92 -4.86 14.12 -9.48
C ASP B 92 -4.48 12.94 -10.36
N THR B 93 -4.65 11.70 -9.90
CA THR B 93 -4.19 10.55 -10.66
C THR B 93 -5.30 9.55 -10.95
N SER B 94 -6.56 9.89 -10.66
CA SER B 94 -7.67 8.96 -10.75
C SER B 94 -8.80 9.60 -11.55
N GLU B 95 -9.68 8.77 -12.11
CA GLU B 95 -10.79 9.36 -12.86
C GLU B 95 -11.80 10.01 -11.93
N SER B 96 -11.99 9.46 -10.74
CA SER B 96 -12.81 10.06 -9.74
C SER B 96 -12.15 9.93 -8.37
N PRO B 97 -12.29 10.95 -7.51
CA PRO B 97 -11.76 10.80 -6.15
C PRO B 97 -12.61 9.94 -5.23
N TRP B 98 -13.80 9.53 -5.64
CA TRP B 98 -14.58 8.59 -4.85
C TRP B 98 -14.03 7.21 -5.07
N LEU B 99 -13.64 6.55 -3.98
CA LEU B 99 -13.00 5.24 -4.02
C LEU B 99 -13.86 4.19 -3.35
N LEU B 100 -13.71 2.94 -3.81
CA LEU B 100 -14.27 1.77 -3.16
C LEU B 100 -13.17 1.15 -2.30
N GLU B 101 -13.44 1.03 -0.99
CA GLU B 101 -12.40 0.69 -0.03
C GLU B 101 -12.89 -0.27 1.04
N MET B 102 -11.97 -0.65 1.90
CA MET B 102 -12.24 -1.40 3.11
C MET B 102 -12.62 -0.46 4.24
N VAL B 103 -13.47 -0.98 5.13
CA VAL B 103 -13.66 -0.37 6.44
C VAL B 103 -12.29 -0.18 7.10
N ALA B 104 -12.04 1.00 7.67
CA ALA B 104 -10.70 1.25 8.20
C ALA B 104 -10.73 2.52 9.05
N GLY B 105 -9.80 2.61 10.00
CA GLY B 105 -9.62 3.86 10.72
C GLY B 105 -8.35 3.85 11.54
N MET B 106 -8.05 5.03 12.09
CA MET B 106 -6.81 5.21 12.83
C MET B 106 -6.94 4.56 14.20
N ILE B 107 -5.84 3.97 14.64
CA ILE B 107 -5.76 3.37 15.97
C ILE B 107 -5.23 4.42 16.93
N GLU B 108 -6.01 4.72 17.98
CA GLU B 108 -5.59 5.66 18.99
C GLU B 108 -4.87 4.93 20.11
N ALA B 109 -4.20 5.70 20.97
CA ALA B 109 -3.41 5.14 22.05
C ALA B 109 -4.25 4.23 22.93
N GLY B 110 -3.74 3.05 23.19
CA GLY B 110 -4.40 2.11 24.09
C GLY B 110 -5.46 1.25 23.44
N GLU B 111 -5.71 1.40 22.13
CA GLU B 111 -6.73 0.64 21.43
C GLU B 111 -6.12 -0.57 20.75
N THR B 112 -6.94 -1.60 20.57
CA THR B 112 -6.53 -2.75 19.78
C THR B 112 -6.97 -2.60 18.34
N VAL B 113 -6.24 -3.27 17.46
CA VAL B 113 -6.61 -3.31 16.05
C VAL B 113 -8.05 -3.77 15.89
N GLU B 114 -8.41 -4.83 16.60
CA GLU B 114 -9.70 -5.46 16.41
C GLU B 114 -10.82 -4.57 16.95
N ASP B 115 -10.59 -3.84 18.04
CA ASP B 115 -11.62 -2.94 18.54
C ASP B 115 -11.86 -1.78 17.56
N VAL B 116 -10.80 -1.26 16.95
CA VAL B 116 -10.97 -0.22 15.95
C VAL B 116 -11.74 -0.75 14.75
N ALA B 117 -11.37 -1.94 14.28
CA ALA B 117 -12.07 -2.56 13.15
C ALA B 117 -13.56 -2.68 13.43
N ARG B 118 -13.93 -3.16 14.62
N ARG B 118 -13.93 -3.14 14.63
CA ARG B 118 -15.35 -3.31 14.95
CA ARG B 118 -15.35 -3.34 14.97
C ARG B 118 -16.06 -1.97 15.00
C ARG B 118 -16.09 -2.00 15.08
N ARG B 119 -15.43 -0.97 15.63
CA ARG B 119 -16.05 0.34 15.73
C ARG B 119 -16.28 0.93 14.35
N GLU B 120 -15.27 0.86 13.49
CA GLU B 120 -15.41 1.42 12.16
C GLU B 120 -16.45 0.63 11.34
N ALA B 121 -16.52 -0.69 11.52
CA ALA B 121 -17.52 -1.46 10.78
C ALA B 121 -18.93 -0.98 11.12
N LEU B 122 -19.17 -0.64 12.38
N LEU B 122 -19.16 -0.62 12.38
CA LEU B 122 -20.48 -0.13 12.76
CA LEU B 122 -20.47 -0.13 12.79
C LEU B 122 -20.69 1.28 12.23
C LEU B 122 -20.70 1.28 12.26
N GLU B 123 -19.71 2.16 12.39
CA GLU B 123 -19.88 3.55 11.99
C GLU B 123 -19.96 3.70 10.47
N GLU B 124 -19.20 2.90 9.74
CA GLU B 124 -19.04 3.08 8.29
C GLU B 124 -19.96 2.20 7.48
N ALA B 125 -20.45 1.09 8.04
CA ALA B 125 -21.24 0.16 7.26
C ALA B 125 -22.42 -0.39 8.04
N GLY B 126 -22.64 0.04 9.28
CA GLY B 126 -23.75 -0.50 10.06
C GLY B 126 -23.60 -1.98 10.35
N LEU B 127 -22.37 -2.49 10.39
CA LEU B 127 -22.12 -3.93 10.41
C LEU B 127 -21.65 -4.40 11.79
N GLU B 128 -22.24 -5.49 12.26
CA GLU B 128 -21.68 -6.29 13.32
C GLU B 128 -20.72 -7.32 12.73
N VAL B 129 -19.68 -7.62 13.48
CA VAL B 129 -18.64 -8.54 13.05
C VAL B 129 -18.62 -9.74 13.97
N GLY B 130 -18.49 -10.93 13.38
CA GLY B 130 -18.40 -12.16 14.14
C GLY B 130 -16.96 -12.58 14.38
N ARG B 131 -16.58 -13.74 13.86
CA ARG B 131 -15.20 -14.18 13.98
C ARG B 131 -14.27 -13.29 13.16
N THR B 132 -12.99 -13.28 13.55
CA THR B 132 -11.99 -12.57 12.79
C THR B 132 -10.70 -13.39 12.68
N LYS B 133 -9.90 -13.06 11.67
CA LYS B 133 -8.57 -13.61 11.52
C LYS B 133 -7.68 -12.50 10.96
N PRO B 134 -6.41 -12.46 11.33
CA PRO B 134 -5.52 -11.52 10.68
C PRO B 134 -5.30 -11.88 9.22
N ILE B 135 -5.13 -10.85 8.42
CA ILE B 135 -4.69 -10.99 7.03
C ILE B 135 -3.18 -10.74 7.04
N LEU B 136 -2.81 -9.46 7.07
CA LEU B 136 -1.44 -9.01 6.91
C LEU B 136 -1.37 -7.62 7.51
N SER B 137 -0.18 -7.24 7.95
CA SER B 137 0.09 -5.87 8.40
C SER B 137 1.20 -5.31 7.53
N TYR B 138 0.96 -4.17 6.91
CA TYR B 138 1.90 -3.68 5.91
C TYR B 138 2.23 -2.21 6.12
N LEU B 139 3.41 -1.84 5.66
CA LEU B 139 3.84 -0.45 5.57
C LEU B 139 3.36 0.14 4.24
N ALA B 140 2.58 1.21 4.30
CA ALA B 140 1.98 1.76 3.09
C ALA B 140 3.02 2.23 2.07
N SER B 141 4.07 2.91 2.53
CA SER B 141 5.04 3.50 1.61
C SER B 141 6.24 3.92 2.42
N PRO B 142 7.08 2.95 2.83
CA PRO B 142 8.03 3.23 3.91
C PRO B 142 9.23 4.06 3.53
N GLY B 143 9.38 4.46 2.27
CA GLY B 143 10.40 5.42 1.94
C GLY B 143 10.08 6.83 2.42
N GLY B 144 8.80 7.15 2.64
CA GLY B 144 8.41 8.48 3.03
C GLY B 144 7.37 8.60 4.14
N THR B 145 6.79 7.51 4.61
CA THR B 145 5.79 7.56 5.67
C THR B 145 5.97 6.35 6.59
N SER B 146 5.76 6.56 7.88
CA SER B 146 5.84 5.47 8.84
C SER B 146 4.59 4.61 8.90
N GLU B 147 3.54 4.97 8.16
CA GLU B 147 2.23 4.38 8.38
C GLU B 147 2.24 2.89 8.16
N ARG B 148 1.73 2.18 9.17
CA ARG B 148 1.45 0.75 9.09
C ARG B 148 -0.06 0.56 9.19
N LEU B 149 -0.58 -0.38 8.41
CA LEU B 149 -1.99 -0.72 8.40
C LEU B 149 -2.11 -2.22 8.64
N SER B 150 -2.90 -2.59 9.64
CA SER B 150 -3.09 -3.99 10.01
C SER B 150 -4.46 -4.44 9.58
N ILE B 151 -4.49 -5.40 8.66
CA ILE B 151 -5.73 -5.87 8.05
C ILE B 151 -6.19 -7.14 8.74
N LEU B 152 -7.50 -7.18 9.05
N LEU B 152 -7.49 -7.24 9.00
CA LEU B 152 -8.24 -8.34 9.53
CA LEU B 152 -8.05 -8.52 9.38
C LEU B 152 -9.30 -8.70 8.49
C LEU B 152 -9.35 -8.72 8.60
N VAL B 153 -9.70 -9.97 8.44
CA VAL B 153 -10.93 -10.37 7.80
C VAL B 153 -11.95 -10.62 8.92
N GLY B 154 -13.15 -10.09 8.73
CA GLY B 154 -14.22 -10.23 9.71
C GLY B 154 -15.45 -10.86 9.09
N GLU B 155 -16.02 -11.82 9.81
CA GLU B 155 -17.21 -12.53 9.38
C GLU B 155 -18.42 -11.61 9.52
N VAL B 156 -19.15 -11.39 8.41
CA VAL B 156 -20.32 -10.55 8.43
C VAL B 156 -21.47 -11.23 7.70
N ASP B 157 -22.67 -10.76 7.98
CA ASP B 157 -23.88 -11.10 7.22
C ASP B 157 -24.10 -9.96 6.24
N ALA B 158 -23.73 -10.17 4.99
CA ALA B 158 -23.73 -9.07 4.02
C ALA B 158 -25.14 -8.56 3.72
N SER B 159 -26.18 -9.35 4.02
CA SER B 159 -27.55 -8.90 3.81
C SER B 159 -27.90 -7.74 4.75
N THR B 160 -27.12 -7.55 5.82
CA THR B 160 -27.35 -6.45 6.76
C THR B 160 -26.57 -5.20 6.39
N ALA B 161 -25.76 -5.26 5.34
CA ALA B 161 -24.88 -4.16 4.94
C ALA B 161 -25.57 -3.38 3.83
N LYS B 162 -25.96 -2.16 4.10
CA LYS B 162 -26.66 -1.36 3.10
C LYS B 162 -26.78 0.08 3.58
N GLY B 163 -26.87 1.01 2.65
CA GLY B 163 -27.21 2.39 2.97
C GLY B 163 -26.02 3.30 3.13
N ILE B 164 -26.33 4.48 3.67
CA ILE B 164 -25.40 5.60 3.82
C ILE B 164 -25.03 5.71 5.29
N HIS B 165 -23.73 5.69 5.56
CA HIS B 165 -23.20 5.73 6.91
C HIS B 165 -22.08 6.77 6.97
N GLY B 166 -21.17 6.58 7.92
CA GLY B 166 -20.20 7.61 8.23
C GLY B 166 -20.71 8.58 9.28
N LEU B 167 -19.77 9.21 9.98
CA LEU B 167 -20.07 10.23 10.99
C LEU B 167 -20.08 11.61 10.34
N ALA B 168 -21.27 12.20 10.21
CA ALA B 168 -21.36 13.50 9.57
C ALA B 168 -20.54 14.57 10.29
N GLU B 169 -20.40 14.46 11.62
CA GLU B 169 -19.70 15.48 12.37
C GLU B 169 -18.20 15.51 12.05
N GLU B 170 -17.69 14.45 11.44
CA GLU B 170 -16.31 14.44 10.96
C GLU B 170 -16.25 14.57 9.44
N ASN B 171 -17.36 14.97 8.81
CA ASN B 171 -17.46 15.09 7.36
C ASN B 171 -17.09 13.77 6.68
N GLU B 172 -17.65 12.69 7.22
CA GLU B 172 -17.43 11.33 6.71
C GLU B 172 -18.75 10.85 6.13
N ASP B 173 -18.82 10.76 4.80
CA ASP B 173 -20.03 10.41 4.05
C ASP B 173 -19.71 9.14 3.25
N ILE B 174 -20.38 8.03 3.57
CA ILE B 174 -19.96 6.70 3.13
C ILE B 174 -21.17 5.95 2.58
N ARG B 175 -21.01 5.33 1.42
CA ARG B 175 -22.06 4.49 0.84
C ARG B 175 -21.59 3.05 0.84
N VAL B 176 -22.43 2.16 1.34
CA VAL B 176 -22.14 0.74 1.33
C VAL B 176 -22.46 0.11 -0.03
N HIS B 177 -21.57 -0.76 -0.49
CA HIS B 177 -21.77 -1.58 -1.66
C HIS B 177 -21.52 -3.03 -1.28
N VAL B 178 -22.38 -3.93 -1.73
CA VAL B 178 -22.16 -5.35 -1.54
C VAL B 178 -21.98 -5.97 -2.91
N VAL B 179 -20.93 -6.76 -3.05
CA VAL B 179 -20.60 -7.45 -4.29
C VAL B 179 -20.23 -8.89 -3.94
N SER B 180 -20.25 -9.78 -4.95
CA SER B 180 -19.66 -11.09 -4.71
C SER B 180 -18.14 -10.95 -4.62
N ARG B 181 -17.51 -11.94 -3.98
CA ARG B 181 -16.05 -11.95 -3.92
C ARG B 181 -15.46 -11.91 -5.31
N GLU B 182 -15.97 -12.73 -6.23
CA GLU B 182 -15.39 -12.75 -7.56
C GLU B 182 -15.54 -11.40 -8.23
N GLN B 183 -16.68 -10.73 -8.02
CA GLN B 183 -16.91 -9.41 -8.57
C GLN B 183 -15.91 -8.39 -8.01
N ALA B 184 -15.71 -8.39 -6.69
CA ALA B 184 -14.72 -7.50 -6.10
C ALA B 184 -13.33 -7.75 -6.66
N TYR B 185 -12.97 -9.02 -6.83
CA TYR B 185 -11.62 -9.32 -7.34
C TYR B 185 -11.49 -8.88 -8.79
N GLN B 186 -12.53 -9.08 -9.60
CA GLN B 186 -12.51 -8.57 -10.96
CA GLN B 186 -12.44 -8.58 -10.96
C GLN B 186 -12.30 -7.07 -10.97
N TRP B 187 -12.93 -6.36 -10.04
CA TRP B 187 -12.74 -4.92 -9.96
C TRP B 187 -11.29 -4.55 -9.62
N VAL B 188 -10.61 -5.36 -8.81
CA VAL B 188 -9.16 -5.18 -8.61
C VAL B 188 -8.41 -5.37 -9.93
N GLU B 189 -8.68 -6.48 -10.62
N GLU B 189 -8.71 -6.45 -10.65
CA GLU B 189 -8.01 -6.73 -11.89
CA GLU B 189 -7.96 -6.73 -11.87
C GLU B 189 -8.15 -5.53 -12.82
C GLU B 189 -8.20 -5.67 -12.94
N GLU B 190 -9.37 -5.02 -12.92
CA GLU B 190 -9.69 -3.98 -13.90
C GLU B 190 -9.23 -2.60 -13.46
N GLY B 191 -8.77 -2.44 -12.23
CA GLY B 191 -8.37 -1.14 -11.75
C GLY B 191 -9.47 -0.31 -11.15
N LYS B 192 -10.68 -0.86 -11.02
CA LYS B 192 -11.80 -0.15 -10.40
C LYS B 192 -11.64 -0.06 -8.89
N ILE B 193 -10.95 -1.02 -8.27
CA ILE B 193 -10.48 -0.93 -6.89
C ILE B 193 -8.95 -0.87 -6.99
N ASP B 194 -8.36 0.22 -6.51
CA ASP B 194 -6.93 0.45 -6.71
C ASP B 194 -6.28 1.18 -5.54
N ASN B 195 -6.77 0.97 -4.32
CA ASN B 195 -6.12 1.46 -3.12
C ASN B 195 -5.46 0.27 -2.43
N ALA B 196 -4.29 0.50 -1.84
CA ALA B 196 -3.48 -0.59 -1.32
C ALA B 196 -4.23 -1.50 -0.37
N ALA B 197 -4.97 -0.94 0.57
CA ALA B 197 -5.60 -1.77 1.59
C ALA B 197 -6.56 -2.76 0.97
N SER B 198 -7.34 -2.29 -0.01
CA SER B 198 -8.34 -3.14 -0.65
C SER B 198 -7.68 -4.15 -1.59
N VAL B 199 -6.67 -3.72 -2.35
CA VAL B 199 -5.96 -4.64 -3.24
C VAL B 199 -5.34 -5.76 -2.42
N ILE B 200 -4.63 -5.41 -1.35
CA ILE B 200 -3.99 -6.44 -0.54
C ILE B 200 -5.02 -7.38 0.07
N ALA B 201 -6.11 -6.81 0.63
CA ALA B 201 -7.10 -7.65 1.29
C ALA B 201 -7.78 -8.59 0.30
N LEU B 202 -8.12 -8.08 -0.89
CA LEU B 202 -8.87 -8.88 -1.85
C LEU B 202 -7.99 -9.89 -2.57
N GLN B 203 -6.72 -9.55 -2.81
CA GLN B 203 -5.78 -10.56 -3.29
C GLN B 203 -5.60 -11.65 -2.26
N TRP B 204 -5.48 -11.27 -0.98
CA TRP B 204 -5.40 -12.28 0.06
C TRP B 204 -6.64 -13.17 0.04
N LEU B 205 -7.80 -12.56 -0.10
CA LEU B 205 -9.03 -13.35 -0.09
C LEU B 205 -9.04 -14.33 -1.26
N GLN B 206 -8.56 -13.89 -2.42
CA GLN B 206 -8.56 -14.78 -3.58
C GLN B 206 -7.62 -15.95 -3.35
N LEU B 207 -6.58 -15.75 -2.52
CA LEU B 207 -5.62 -16.81 -2.22
C LEU B 207 -6.01 -17.68 -1.03
N HIS B 208 -7.02 -17.29 -0.25
CA HIS B 208 -7.38 -18.02 0.95
C HIS B 208 -8.86 -18.38 1.10
N TYR B 209 -9.71 -18.02 0.13
CA TYR B 209 -11.15 -18.11 0.37
C TYR B 209 -11.64 -19.54 0.57
N HIS B 210 -11.07 -20.51 -0.13
N HIS B 210 -11.05 -20.52 -0.10
CA HIS B 210 -11.51 -21.89 0.04
CA HIS B 210 -11.54 -21.89 0.04
C HIS B 210 -11.39 -22.31 1.50
C HIS B 210 -11.38 -22.37 1.48
N ASN B 211 -10.20 -22.16 2.06
CA ASN B 211 -9.99 -22.59 3.45
C ASN B 211 -10.81 -21.74 4.41
N LEU B 212 -10.90 -20.43 4.16
CA LEU B 212 -11.64 -19.56 5.08
C LEU B 212 -13.12 -19.90 5.09
N ARG B 213 -13.72 -20.10 3.91
CA ARG B 213 -15.13 -20.46 3.86
C ARG B 213 -15.36 -21.80 4.56
N ASN B 214 -14.47 -22.76 4.35
N ASN B 214 -14.45 -22.75 4.39
CA ASN B 214 -14.61 -24.02 5.07
CA ASN B 214 -14.62 -24.05 5.06
C ASN B 214 -14.59 -23.78 6.57
C ASN B 214 -14.47 -23.92 6.58
N GLU B 215 -13.59 -23.04 7.04
CA GLU B 215 -13.43 -22.82 8.48
C GLU B 215 -14.67 -22.17 9.09
N TRP B 216 -15.29 -21.27 8.35
CA TRP B 216 -16.39 -20.46 8.88
C TRP B 216 -17.77 -21.00 8.52
N THR B 217 -17.87 -22.09 7.76
CA THR B 217 -19.16 -22.71 7.52
C THR B 217 -19.26 -24.14 8.04
N LYS B 218 -18.24 -24.64 8.72
CA LYS B 218 -18.30 -25.99 9.30
C LYS B 218 -19.06 -25.96 10.63
#